data_3ICH
#
_entry.id   3ICH
#
_cell.length_a   64.665
_cell.length_b   64.665
_cell.length_c   39.463
_cell.angle_alpha   90.00
_cell.angle_beta   90.00
_cell.angle_gamma   120.00
#
_symmetry.space_group_name_H-M   'P 32'
#
loop_
_entity.id
_entity.type
_entity.pdbx_description
1 polymer 'Peptidyl-prolyl cis-trans isomerase B'
2 water water
#
_entity_poly.entity_id   1
_entity_poly.type   'polypeptide(L)'
_entity_poly.pdbx_seq_one_letter_code
;GPLGSDEKKKGPKVTVKVYFDLRIGDEDVGRVIFGLFGKTVPKTVDNFVALATGEKGFGYKNSKFHRVIKDFMIQGGDFT
RGDGTGGKSIYGERFPDENFKLKHYGPGWVSMANAGKDTNGSQFFITTVKTAWLDGKHVVFGKVLEGMEVVRKVESTKTD
SRDKPLKDVIIADCGKIEVEKPFAIAKE
;
_entity_poly.pdbx_strand_id   A
#
# COMPACT_ATOMS: atom_id res chain seq x y z
N LYS A 9 14.33 2.16 -17.36
CA LYS A 9 15.30 3.14 -16.80
C LYS A 9 14.86 4.60 -17.06
N LYS A 10 13.67 4.77 -17.62
CA LYS A 10 13.14 6.09 -17.95
C LYS A 10 12.03 6.54 -17.00
N GLY A 11 11.52 5.62 -16.20
CA GLY A 11 10.43 5.92 -15.27
C GLY A 11 10.86 6.65 -14.01
N PRO A 12 9.99 6.67 -12.97
CA PRO A 12 10.28 7.38 -11.74
C PRO A 12 11.40 6.71 -10.93
N LYS A 13 12.05 7.51 -10.09
CA LYS A 13 13.14 7.01 -9.26
C LYS A 13 12.65 6.53 -7.90
N VAL A 14 13.09 5.33 -7.54
CA VAL A 14 12.89 4.82 -6.18
C VAL A 14 13.86 5.57 -5.27
N THR A 15 13.31 6.25 -4.26
CA THR A 15 14.12 7.10 -3.38
C THR A 15 14.23 6.53 -1.96
N VAL A 16 13.40 5.54 -1.67
CA VAL A 16 13.32 4.92 -0.35
C VAL A 16 12.51 3.64 -0.52
N LYS A 17 12.71 2.68 0.38
CA LYS A 17 11.97 1.43 0.38
C LYS A 17 11.26 1.23 1.70
N VAL A 18 10.19 0.43 1.66
CA VAL A 18 9.45 0.02 2.84
C VAL A 18 9.28 -1.49 2.82
N TYR A 19 9.44 -2.13 3.98
CA TYR A 19 9.11 -3.55 4.12
C TYR A 19 7.87 -3.74 4.98
N PHE A 20 7.07 -4.75 4.62
CA PHE A 20 6.04 -5.32 5.48
C PHE A 20 6.37 -6.80 5.69
N ASP A 21 6.34 -7.26 6.94
CA ASP A 21 6.38 -8.68 7.25
C ASP A 21 4.94 -9.09 7.59
N LEU A 22 4.39 -10.01 6.81
CA LEU A 22 2.96 -10.33 6.87
C LEU A 22 2.69 -11.69 7.48
N ARG A 23 1.52 -11.79 8.12
CA ARG A 23 1.01 -13.06 8.62
C ARG A 23 -0.44 -13.18 8.18
N ILE A 24 -0.88 -14.42 7.90
CA ILE A 24 -2.28 -14.72 7.64
C ILE A 24 -2.71 -15.66 8.74
N GLY A 25 -3.57 -15.19 9.64
CA GLY A 25 -3.81 -15.92 10.88
C GLY A 25 -2.48 -16.17 11.56
N ASP A 26 -2.28 -17.40 12.06
CA ASP A 26 -1.04 -17.73 12.75
CA ASP A 26 -1.05 -17.76 12.75
C ASP A 26 0.00 -18.35 11.81
N GLU A 27 0.00 -17.91 10.55
CA GLU A 27 0.98 -18.35 9.56
C GLU A 27 1.84 -17.16 9.12
N ASP A 28 3.15 -17.29 9.28
CA ASP A 28 4.09 -16.31 8.73
C ASP A 28 4.14 -16.51 7.23
N VAL A 29 3.86 -15.46 6.46
CA VAL A 29 3.82 -15.60 5.00
C VAL A 29 4.90 -14.80 4.25
N GLY A 30 5.77 -14.13 4.98
CA GLY A 30 6.93 -13.50 4.37
C GLY A 30 6.89 -11.98 4.22
N ARG A 31 7.90 -11.48 3.53
CA ARG A 31 8.16 -10.05 3.42
C ARG A 31 7.87 -9.50 2.03
N VAL A 32 7.23 -8.34 2.01
CA VAL A 32 7.06 -7.54 0.80
C VAL A 32 7.90 -6.28 0.95
N ILE A 33 8.62 -5.91 -0.11
CA ILE A 33 9.38 -4.67 -0.14
C ILE A 33 8.88 -3.81 -1.28
N PHE A 34 8.56 -2.55 -0.96
CA PHE A 34 8.11 -1.56 -1.93
C PHE A 34 9.22 -0.55 -2.19
N GLY A 35 9.25 -0.07 -3.43
CA GLY A 35 10.03 1.13 -3.77
C GLY A 35 9.09 2.29 -3.93
N LEU A 36 9.42 3.43 -3.32
CA LEU A 36 8.54 4.59 -3.31
C LEU A 36 9.16 5.74 -4.10
N PHE A 37 8.31 6.53 -4.74
CA PHE A 37 8.73 7.55 -5.71
C PHE A 37 8.73 8.95 -5.09
N GLY A 38 9.72 9.18 -4.22
CA GLY A 38 9.78 10.41 -3.43
C GLY A 38 10.07 11.70 -4.19
N LYS A 39 10.61 11.60 -5.40
CA LYS A 39 10.81 12.79 -6.21
C LYS A 39 9.51 13.21 -6.90
N THR A 40 8.68 12.23 -7.22
CA THR A 40 7.42 12.48 -7.93
C THR A 40 6.29 12.90 -6.98
N VAL A 41 6.17 12.19 -5.86
CA VAL A 41 5.09 12.42 -4.92
C VAL A 41 5.63 12.38 -3.48
N PRO A 42 6.48 13.36 -3.13
CA PRO A 42 7.09 13.33 -1.79
C PRO A 42 6.09 13.36 -0.63
N LYS A 43 5.01 14.12 -0.74
CA LYS A 43 4.07 14.22 0.38
C LYS A 43 3.39 12.88 0.62
N THR A 44 3.00 12.21 -0.46
CA THR A 44 2.30 10.94 -0.38
C THR A 44 3.25 9.83 0.08
N VAL A 45 4.46 9.85 -0.47
CA VAL A 45 5.49 8.91 -0.04
C VAL A 45 5.82 9.09 1.44
N ASP A 46 6.03 10.34 1.87
CA ASP A 46 6.42 10.60 3.26
C ASP A 46 5.38 10.08 4.24
N ASN A 47 4.11 10.23 3.88
CA ASN A 47 3.03 9.68 4.70
C ASN A 47 3.14 8.16 4.83
N PHE A 48 3.21 7.47 3.70
CA PHE A 48 3.28 6.01 3.70
C PHE A 48 4.51 5.51 4.48
N VAL A 49 5.66 6.12 4.22
CA VAL A 49 6.90 5.73 4.89
C VAL A 49 6.81 5.94 6.41
N ALA A 50 6.32 7.11 6.82
CA ALA A 50 6.18 7.39 8.26
C ALA A 50 5.19 6.46 8.94
N LEU A 51 4.13 6.09 8.23
CA LEU A 51 3.17 5.13 8.79
C LEU A 51 3.80 3.74 8.90
N ALA A 52 4.69 3.40 7.97
CA ALA A 52 5.43 2.14 8.03
C ALA A 52 6.47 2.12 9.15
N THR A 53 7.15 3.22 9.39
CA THR A 53 8.13 3.25 10.48
C THR A 53 7.46 3.43 11.84
N GLY A 54 6.24 3.96 11.83
CA GLY A 54 5.52 4.30 13.08
C GLY A 54 6.08 5.50 13.82
N GLU A 55 6.88 6.30 13.13
CA GLU A 55 7.66 7.37 13.77
C GLU A 55 6.84 8.56 14.29
N LYS A 56 5.56 8.64 13.94
CA LYS A 56 4.68 9.68 14.50
C LYS A 56 3.86 9.18 15.68
N GLY A 57 4.04 7.91 16.05
CA GLY A 57 3.35 7.36 17.21
C GLY A 57 2.13 6.53 16.87
N PHE A 58 1.98 6.21 15.59
CA PHE A 58 0.86 5.43 15.07
C PHE A 58 1.23 4.95 13.68
N GLY A 59 0.51 3.97 13.15
CA GLY A 59 0.79 3.50 11.82
C GLY A 59 0.44 2.06 11.58
N TYR A 60 1.13 1.48 10.61
CA TYR A 60 0.72 0.20 10.03
C TYR A 60 1.02 -1.04 10.87
N LYS A 61 2.01 -0.98 11.75
CA LYS A 61 2.34 -2.18 12.52
C LYS A 61 1.12 -2.64 13.30
N ASN A 62 0.86 -3.96 13.23
CA ASN A 62 -0.26 -4.63 13.89
C ASN A 62 -1.62 -4.45 13.22
N SER A 63 -1.66 -3.68 12.14
CA SER A 63 -2.91 -3.46 11.41
C SER A 63 -3.16 -4.58 10.41
N LYS A 64 -4.38 -4.63 9.89
CA LYS A 64 -4.78 -5.71 8.99
C LYS A 64 -5.24 -5.20 7.62
N PHE A 65 -5.08 -6.04 6.61
CA PHE A 65 -5.63 -5.80 5.28
C PHE A 65 -7.11 -6.15 5.28
N HIS A 66 -7.97 -5.19 4.94
CA HIS A 66 -9.40 -5.39 5.12
C HIS A 66 -10.16 -5.75 3.84
N ARG A 67 -9.51 -5.68 2.68
CA ARG A 67 -10.20 -5.98 1.44
C ARG A 67 -9.27 -6.63 0.44
N VAL A 68 -9.69 -7.77 -0.08
CA VAL A 68 -8.90 -8.54 -1.03
C VAL A 68 -9.81 -8.94 -2.17
N ILE A 69 -9.43 -8.57 -3.39
CA ILE A 69 -10.15 -8.99 -4.58
CA ILE A 69 -10.15 -8.93 -4.61
C ILE A 69 -9.18 -9.59 -5.58
N LYS A 70 -9.28 -10.91 -5.72
CA LYS A 70 -8.46 -11.69 -6.62
CA LYS A 70 -8.44 -11.68 -6.61
C LYS A 70 -8.53 -11.10 -8.03
N ASP A 71 -7.37 -11.00 -8.69
CA ASP A 71 -7.27 -10.44 -10.04
C ASP A 71 -7.61 -8.94 -10.07
N PHE A 72 -7.46 -8.27 -8.94
CA PHE A 72 -7.63 -6.82 -8.85
C PHE A 72 -6.57 -6.21 -7.92
N MET A 73 -6.73 -6.39 -6.62
CA MET A 73 -5.83 -5.75 -5.65
C MET A 73 -6.01 -6.34 -4.26
N ILE A 74 -5.08 -5.98 -3.37
CA ILE A 74 -5.26 -6.13 -1.94
C ILE A 74 -5.15 -4.74 -1.31
N GLN A 75 -5.95 -4.50 -0.28
CA GLN A 75 -6.09 -3.17 0.31
C GLN A 75 -5.89 -3.21 1.81
N GLY A 76 -5.02 -2.32 2.28
CA GLY A 76 -4.73 -2.21 3.70
C GLY A 76 -4.59 -0.77 4.13
N GLY A 77 -4.12 -0.59 5.36
CA GLY A 77 -3.82 0.73 5.88
C GLY A 77 -4.84 1.30 6.84
N ASP A 78 -5.98 0.64 7.03
CA ASP A 78 -6.93 1.11 8.02
C ASP A 78 -6.53 0.58 9.38
N PHE A 79 -5.61 1.30 10.02
CA PHE A 79 -5.09 0.89 11.32
C PHE A 79 -5.92 1.41 12.48
N THR A 80 -6.99 2.16 12.22
CA THR A 80 -7.84 2.64 13.31
C THR A 80 -9.11 1.82 13.48
N ARG A 81 -9.65 1.29 12.38
CA ARG A 81 -10.91 0.54 12.41
CA ARG A 81 -10.90 0.53 12.44
C ARG A 81 -10.82 -0.84 11.77
N GLY A 82 -9.81 -1.04 10.91
CA GLY A 82 -9.61 -2.32 10.23
C GLY A 82 -10.74 -2.77 9.31
N ASP A 83 -11.52 -1.83 8.79
CA ASP A 83 -12.65 -2.20 7.95
C ASP A 83 -12.90 -1.28 6.74
N GLY A 84 -12.04 -0.27 6.56
CA GLY A 84 -12.17 0.66 5.46
C GLY A 84 -12.74 2.01 5.85
N THR A 85 -13.36 2.07 7.03
CA THR A 85 -14.00 3.31 7.50
C THR A 85 -13.02 4.24 8.20
N GLY A 86 -11.83 3.73 8.55
CA GLY A 86 -10.89 4.50 9.34
C GLY A 86 -9.60 4.87 8.66
N GLY A 87 -8.53 4.91 9.44
CA GLY A 87 -7.23 5.37 8.99
C GLY A 87 -7.07 6.86 9.17
N LYS A 88 -5.83 7.30 9.30
CA LYS A 88 -5.50 8.72 9.35
C LYS A 88 -4.08 8.89 8.83
N SER A 89 -3.80 10.06 8.27
CA SER A 89 -2.48 10.35 7.73
C SER A 89 -1.64 11.07 8.77
N ILE A 90 -0.36 11.26 8.44
CA ILE A 90 0.51 12.08 9.27
C ILE A 90 0.16 13.57 9.16
N TYR A 91 -0.78 13.89 8.26
CA TYR A 91 -1.22 15.26 8.01
C TYR A 91 -2.59 15.57 8.59
N GLY A 92 -3.12 14.63 9.38
CA GLY A 92 -4.48 14.74 9.88
C GLY A 92 -5.33 13.64 9.28
N GLU A 93 -6.63 13.72 9.52
CA GLU A 93 -7.53 12.67 9.09
C GLU A 93 -7.42 12.39 7.59
N ARG A 94 -7.48 13.45 6.78
CA ARG A 94 -7.39 13.33 5.33
C ARG A 94 -6.51 14.41 4.72
N PHE A 95 -5.98 14.16 3.54
CA PHE A 95 -5.18 15.15 2.81
C PHE A 95 -5.44 15.07 1.30
N PRO A 96 -5.20 16.19 0.59
CA PRO A 96 -5.53 16.24 -0.83
C PRO A 96 -4.64 15.39 -1.74
N ASP A 97 -5.16 15.12 -2.93
CA ASP A 97 -4.41 14.43 -3.98
C ASP A 97 -3.21 15.27 -4.40
N GLU A 98 -2.01 14.71 -4.27
CA GLU A 98 -0.78 15.45 -4.53
C GLU A 98 -0.62 15.75 -6.02
N ASN A 99 -0.67 14.70 -6.84
CA ASN A 99 -0.71 14.80 -8.29
C ASN A 99 -1.07 13.44 -8.86
N PHE A 100 -1.34 13.40 -10.17
CA PHE A 100 -1.60 12.14 -10.85
C PHE A 100 -0.57 11.90 -11.95
N LYS A 101 0.69 12.24 -11.65
CA LYS A 101 1.77 12.11 -12.62
C LYS A 101 2.01 10.66 -13.03
N LEU A 102 1.85 9.73 -12.09
CA LEU A 102 2.08 8.33 -12.36
C LEU A 102 0.77 7.57 -12.56
N LYS A 103 0.82 6.59 -13.44
CA LYS A 103 -0.32 5.73 -13.71
C LYS A 103 -0.10 4.35 -13.07
N HIS A 104 -1.15 3.54 -13.09
CA HIS A 104 -1.08 2.17 -12.63
C HIS A 104 -0.56 1.32 -13.80
N TYR A 105 0.76 1.24 -13.93
CA TYR A 105 1.37 0.72 -15.16
C TYR A 105 1.29 -0.78 -15.32
N GLY A 106 1.17 -1.50 -14.20
CA GLY A 106 1.15 -2.95 -14.24
C GLY A 106 0.89 -3.53 -12.88
N PRO A 107 0.98 -4.86 -12.75
CA PRO A 107 0.78 -5.48 -11.44
C PRO A 107 1.81 -4.97 -10.43
N GLY A 108 1.41 -4.89 -9.17
CA GLY A 108 2.32 -4.50 -8.11
C GLY A 108 2.47 -3.00 -7.89
N TRP A 109 1.83 -2.18 -8.71
CA TRP A 109 1.87 -0.74 -8.50
C TRP A 109 0.95 -0.37 -7.33
N VAL A 110 1.38 0.62 -6.57
CA VAL A 110 0.74 0.96 -5.30
C VAL A 110 0.22 2.39 -5.35
N SER A 111 -1.05 2.55 -4.98
CA SER A 111 -1.69 3.85 -4.97
C SER A 111 -2.56 4.02 -3.74
N MET A 112 -2.98 5.25 -3.48
CA MET A 112 -3.82 5.55 -2.34
C MET A 112 -5.27 5.19 -2.61
N ALA A 113 -5.86 4.42 -1.71
CA ALA A 113 -7.31 4.24 -1.68
C ALA A 113 -7.90 5.53 -1.13
N ASN A 114 -9.16 5.81 -1.48
CA ASN A 114 -9.79 7.03 -1.02
C ASN A 114 -11.31 6.92 -1.08
N ALA A 115 -12.00 8.00 -0.72
CA ALA A 115 -13.45 8.06 -0.77
C ALA A 115 -13.88 9.19 -1.69
N GLY A 116 -13.09 9.41 -2.75
CA GLY A 116 -13.32 10.50 -3.68
C GLY A 116 -12.19 11.52 -3.67
N LYS A 117 -12.41 12.64 -4.33
CA LYS A 117 -11.42 13.70 -4.46
CA LYS A 117 -11.39 13.68 -4.46
C LYS A 117 -10.89 14.15 -3.10
N ASP A 118 -9.57 14.27 -2.98
CA ASP A 118 -8.91 14.84 -1.79
C ASP A 118 -9.31 14.18 -0.46
N THR A 119 -9.34 12.85 -0.45
CA THR A 119 -9.66 12.12 0.78
C THR A 119 -8.64 11.01 1.08
N ASN A 120 -7.36 11.30 0.83
CA ASN A 120 -6.30 10.38 1.19
C ASN A 120 -6.13 10.35 2.69
N GLY A 121 -5.98 9.16 3.25
CA GLY A 121 -5.69 9.00 4.66
C GLY A 121 -4.47 8.12 4.81
N SER A 122 -4.72 6.84 5.10
CA SER A 122 -3.64 5.87 5.26
C SER A 122 -3.85 4.61 4.45
N GLN A 123 -4.98 4.51 3.73
CA GLN A 123 -5.30 3.28 3.02
C GLN A 123 -4.69 3.26 1.63
N PHE A 124 -4.25 2.07 1.21
CA PHE A 124 -3.56 1.91 -0.05
C PHE A 124 -4.01 0.62 -0.76
N PHE A 125 -3.87 0.63 -2.09
CA PHE A 125 -4.03 -0.55 -2.93
C PHE A 125 -2.65 -1.08 -3.31
N ILE A 126 -2.44 -2.38 -3.17
CA ILE A 126 -1.36 -3.04 -3.88
C ILE A 126 -2.04 -3.79 -5.02
N THR A 127 -1.87 -3.29 -6.24
CA THR A 127 -2.59 -3.90 -7.36
C THR A 127 -1.94 -5.22 -7.74
N THR A 128 -2.76 -6.15 -8.23
CA THR A 128 -2.29 -7.48 -8.57
C THR A 128 -2.44 -7.76 -10.07
N VAL A 129 -2.99 -6.78 -10.78
CA VAL A 129 -3.07 -6.72 -12.24
C VAL A 129 -2.86 -5.25 -12.62
N LYS A 130 -2.70 -4.96 -13.91
CA LYS A 130 -2.70 -3.57 -14.37
C LYS A 130 -4.10 -2.99 -14.16
N THR A 131 -4.18 -1.85 -13.46
CA THR A 131 -5.48 -1.26 -13.12
C THR A 131 -5.64 0.16 -13.66
N ALA A 132 -5.68 0.29 -14.99
CA ALA A 132 -5.75 1.60 -15.62
C ALA A 132 -7.00 2.40 -15.24
N TRP A 133 -8.07 1.70 -14.88
CA TRP A 133 -9.32 2.36 -14.47
C TRP A 133 -9.19 3.17 -13.17
N LEU A 134 -8.09 2.99 -12.46
CA LEU A 134 -7.80 3.79 -11.26
C LEU A 134 -7.02 5.07 -11.59
N ASP A 135 -6.44 5.14 -12.79
CA ASP A 135 -5.63 6.29 -13.19
C ASP A 135 -6.41 7.59 -13.09
N GLY A 136 -5.79 8.61 -12.51
CA GLY A 136 -6.40 9.92 -12.38
C GLY A 136 -7.34 10.08 -11.19
N LYS A 137 -7.60 8.99 -10.49
CA LYS A 137 -8.47 9.00 -9.31
C LYS A 137 -7.72 8.64 -8.03
N HIS A 138 -6.66 7.84 -8.18
CA HIS A 138 -5.86 7.39 -7.05
C HIS A 138 -4.42 7.75 -7.29
N VAL A 139 -3.82 8.40 -6.29
CA VAL A 139 -2.43 8.85 -6.40
C VAL A 139 -1.47 7.66 -6.29
N VAL A 140 -0.76 7.41 -7.38
CA VAL A 140 0.22 6.33 -7.46
C VAL A 140 1.55 6.82 -6.89
N PHE A 141 2.15 6.03 -6.00
CA PHE A 141 3.33 6.50 -5.27
C PHE A 141 4.42 5.45 -5.05
N GLY A 142 4.20 4.22 -5.48
CA GLY A 142 5.21 3.19 -5.30
C GLY A 142 4.89 1.94 -6.07
N LYS A 143 5.75 0.94 -5.90
CA LYS A 143 5.48 -0.37 -6.47
C LYS A 143 6.21 -1.44 -5.68
N VAL A 144 5.67 -2.65 -5.72
CA VAL A 144 6.34 -3.81 -5.19
C VAL A 144 7.65 -4.04 -5.96
N LEU A 145 8.74 -4.20 -5.21
CA LEU A 145 10.02 -4.60 -5.78
C LEU A 145 10.35 -6.06 -5.47
N GLU A 146 9.96 -6.52 -4.29
CA GLU A 146 10.30 -7.85 -3.81
C GLU A 146 9.13 -8.42 -3.03
N GLY A 147 8.93 -9.73 -3.12
CA GLY A 147 7.88 -10.37 -2.35
C GLY A 147 6.51 -10.30 -3.00
N MET A 148 6.45 -10.21 -4.32
CA MET A 148 5.16 -10.26 -5.00
C MET A 148 4.46 -11.59 -4.71
N GLU A 149 5.21 -12.65 -4.45
CA GLU A 149 4.60 -13.93 -4.12
C GLU A 149 3.84 -13.87 -2.78
N VAL A 150 4.27 -12.98 -1.88
CA VAL A 150 3.55 -12.77 -0.62
C VAL A 150 2.24 -12.05 -0.90
N VAL A 151 2.30 -11.01 -1.74
CA VAL A 151 1.11 -10.32 -2.21
C VAL A 151 0.11 -11.32 -2.82
N ARG A 152 0.61 -12.24 -3.65
CA ARG A 152 -0.23 -13.26 -4.28
C ARG A 152 -0.89 -14.20 -3.26
N LYS A 153 -0.14 -14.55 -2.22
CA LYS A 153 -0.69 -15.39 -1.16
C LYS A 153 -1.86 -14.69 -0.47
N VAL A 154 -1.69 -13.42 -0.16
CA VAL A 154 -2.78 -12.63 0.43
C VAL A 154 -3.95 -12.52 -0.54
N GLU A 155 -3.63 -12.26 -1.81
CA GLU A 155 -4.63 -12.10 -2.86
C GLU A 155 -5.57 -13.31 -2.98
N SER A 156 -5.04 -14.50 -2.67
CA SER A 156 -5.81 -15.74 -2.77
C SER A 156 -6.54 -16.16 -1.50
N THR A 157 -6.45 -15.36 -0.45
CA THR A 157 -7.02 -15.76 0.83
C THR A 157 -8.56 -15.77 0.79
N LYS A 158 -9.17 -16.63 1.60
CA LYS A 158 -10.63 -16.70 1.65
C LYS A 158 -11.23 -15.48 2.34
N THR A 159 -12.38 -15.03 1.83
CA THR A 159 -12.97 -13.79 2.28
C THR A 159 -14.45 -13.93 2.67
N ASP A 160 -14.92 -12.93 3.41
CA ASP A 160 -16.32 -12.81 3.77
C ASP A 160 -17.09 -11.93 2.77
N SER A 161 -18.35 -11.63 3.06
CA SER A 161 -19.19 -10.93 2.09
C SER A 161 -18.70 -9.52 1.75
N ARG A 162 -17.88 -8.95 2.64
CA ARG A 162 -17.28 -7.62 2.44
C ARG A 162 -15.93 -7.71 1.72
N ASP A 163 -15.60 -8.89 1.23
CA ASP A 163 -14.28 -9.18 0.66
C ASP A 163 -13.15 -9.02 1.69
N LYS A 164 -13.49 -9.17 2.97
CA LYS A 164 -12.51 -9.06 4.04
C LYS A 164 -11.98 -10.47 4.36
N PRO A 165 -10.64 -10.62 4.46
CA PRO A 165 -10.09 -11.93 4.82
C PRO A 165 -10.73 -12.54 6.07
N LEU A 166 -11.05 -13.82 5.98
CA LEU A 166 -11.57 -14.56 7.13
C LEU A 166 -10.53 -14.69 8.23
N LYS A 167 -9.28 -14.92 7.84
CA LYS A 167 -8.16 -14.94 8.77
C LYS A 167 -7.46 -13.61 8.64
N ASP A 168 -7.10 -13.01 9.78
CA ASP A 168 -6.53 -11.67 9.76
C ASP A 168 -5.18 -11.66 9.05
N VAL A 169 -5.07 -10.77 8.06
CA VAL A 169 -3.82 -10.57 7.34
C VAL A 169 -3.16 -9.36 7.99
N ILE A 170 -2.19 -9.65 8.86
CA ILE A 170 -1.60 -8.67 9.76
CA ILE A 170 -1.63 -8.61 9.71
C ILE A 170 -0.21 -8.23 9.30
N ILE A 171 0.04 -6.93 9.37
CA ILE A 171 1.37 -6.37 9.18
C ILE A 171 2.08 -6.53 10.53
N ALA A 172 2.76 -7.68 10.67
CA ALA A 172 3.41 -8.03 11.94
C ALA A 172 4.60 -7.14 12.25
N ASP A 173 5.29 -6.68 11.20
CA ASP A 173 6.35 -5.71 11.35
C ASP A 173 6.43 -4.91 10.06
N CYS A 174 6.99 -3.71 10.16
CA CYS A 174 7.17 -2.87 8.98
C CYS A 174 8.16 -1.78 9.30
N GLY A 175 8.72 -1.18 8.26
CA GLY A 175 9.69 -0.13 8.43
C GLY A 175 10.25 0.31 7.11
N LYS A 176 11.31 1.09 7.18
CA LYS A 176 11.95 1.59 5.97
C LYS A 176 13.34 1.02 5.76
N ILE A 177 13.74 0.97 4.49
CA ILE A 177 15.08 0.62 4.07
C ILE A 177 15.57 1.80 3.23
N GLU A 178 16.67 2.41 3.65
CA GLU A 178 17.20 3.57 2.96
C GLU A 178 17.79 3.18 1.61
N VAL A 179 17.72 4.12 0.67
CA VAL A 179 18.30 3.97 -0.65
C VAL A 179 19.33 5.09 -0.81
N GLU A 180 20.61 4.69 -0.90
CA GLU A 180 21.71 5.66 -0.96
C GLU A 180 21.67 6.46 -2.26
N LYS A 181 21.43 5.77 -3.38
CA LYS A 181 21.36 6.42 -4.68
C LYS A 181 20.05 6.06 -5.36
N PRO A 182 19.13 7.05 -5.49
CA PRO A 182 17.85 6.80 -6.16
C PRO A 182 18.05 6.20 -7.54
N PHE A 183 17.20 5.24 -7.89
CA PHE A 183 17.31 4.54 -9.16
C PHE A 183 15.99 4.50 -9.90
N ALA A 184 16.05 4.79 -11.20
CA ALA A 184 14.87 4.77 -12.06
C ALA A 184 14.43 3.33 -12.31
N ILE A 185 13.12 3.13 -12.37
CA ILE A 185 12.53 1.84 -12.71
C ILE A 185 11.64 1.98 -13.94
N ALA A 186 11.31 0.85 -14.57
CA ALA A 186 10.49 0.86 -15.78
C ALA A 186 9.01 1.03 -15.45
N LYS A 187 8.29 1.74 -16.33
CA LYS A 187 6.85 1.95 -16.20
C LYS A 187 6.08 0.72 -16.69
N GLU A 188 6.22 -0.37 -15.93
CA GLU A 188 5.55 -1.64 -16.24
C GLU A 188 5.43 -2.48 -14.97
#